data_7LH7
#
_entry.id   7LH7
#
_cell.length_a   58.86
_cell.length_b   88.91
_cell.length_c   151.46
_cell.angle_alpha   90
_cell.angle_beta   90
_cell.angle_gamma   90
#
_symmetry.space_group_name_H-M   'C 2 2 21'
#
loop_
_entity.id
_entity.type
_entity.pdbx_description
1 polymer 'Bcl-2-like protein 1'
2 non-polymer N-(1,3-benzothiazol-2-yl)-2-(4-{[(4-{[(2R)-4-(morpholin-4-yl)-1-(phenylsulfanyl)butan-2-yl]amino}-3-[(trifluoromethyl)sulfonyl]phenyl)sulfonyl]carbamoyl}-1,3-thiazol-2-yl)-1,2,3,4-tetrahydroisoquinoline-8-carboxamide
3 water water
#
_entity_poly.entity_id   1
_entity_poly.type   'polypeptide(L)'
_entity_poly.pdbx_seq_one_letter_code
;MSQSNRELVVDFLSYKLSQKGYSASGGGGGGGMAAVKQALREAGDEFELRYRRAFSDLTSQLHITPGTAYQSFEQVVNEL
FRDGVNWGRIVAFFSFGGALCVESVDKKMQVLVSRIAAWMATYLNDHLEPWIQENGGWATFVELYGNNAAAESRKGQERL
EHHHHHH
;
_entity_poly.pdbx_strand_id   A,B
#
loop_
_chem_comp.id
_chem_comp.type
_chem_comp.name
_chem_comp.formula
XZM non-polymer N-(1,3-benzothiazol-2-yl)-2-(4-{[(4-{[(2R)-4-(morpholin-4-yl)-1-(phenylsulfanyl)butan-2-yl]amino}-3-[(trifluoromethyl)sulfonyl]phenyl)sulfonyl]carbamoyl}-1,3-thiazol-2-yl)-1,2,3,4-tetrahydroisoquinoline-8-carboxamide 'C42 H40 F3 N7 O7 S5'
#
# COMPACT_ATOMS: atom_id res chain seq x y z
N GLN A 3 -3.12 11.64 -27.79
CA GLN A 3 -4.56 11.40 -27.85
C GLN A 3 -4.95 10.16 -27.06
N SER A 4 -4.22 9.04 -27.21
CA SER A 4 -4.57 7.80 -26.54
C SER A 4 -4.45 7.96 -25.04
N ASN A 5 -3.38 8.64 -24.55
CA ASN A 5 -3.25 8.78 -23.11
C ASN A 5 -4.35 9.65 -22.59
N ARG A 6 -4.71 10.76 -23.30
CA ARG A 6 -5.83 11.58 -22.82
C ARG A 6 -7.12 10.76 -22.82
N GLU A 7 -7.36 9.96 -23.88
CA GLU A 7 -8.56 9.14 -23.93
C GLU A 7 -8.62 8.16 -22.76
N LEU A 8 -7.47 7.62 -22.33
CA LEU A 8 -7.48 6.66 -21.21
C LEU A 8 -7.84 7.35 -19.92
N VAL A 9 -7.30 8.55 -19.70
CA VAL A 9 -7.62 9.33 -18.50
C VAL A 9 -9.10 9.67 -18.45
N VAL A 10 -9.63 10.22 -19.56
CA VAL A 10 -11.03 10.65 -19.56
C VAL A 10 -11.95 9.44 -19.45
N ASP A 11 -11.60 8.28 -20.03
CA ASP A 11 -12.46 7.10 -19.91
C ASP A 11 -12.47 6.63 -18.46
N PHE A 12 -11.29 6.55 -17.81
CA PHE A 12 -11.23 6.04 -16.46
C PHE A 12 -12.00 6.97 -15.52
N LEU A 13 -11.80 8.28 -15.66
CA LEU A 13 -12.50 9.23 -14.79
C LEU A 13 -14.00 9.16 -15.01
N SER A 14 -14.45 9.01 -16.27
CA SER A 14 -15.90 8.89 -16.51
C SER A 14 -16.45 7.63 -15.87
N TYR A 15 -15.71 6.54 -15.96
CA TYR A 15 -16.12 5.29 -15.38
C TYR A 15 -16.21 5.42 -13.84
N LYS A 16 -15.16 5.97 -13.19
CA LYS A 16 -15.18 6.10 -11.73
C LYS A 16 -16.30 6.99 -11.25
N LEU A 17 -16.54 8.09 -12.00
CA LEU A 17 -17.65 8.98 -11.64
C LEU A 17 -18.98 8.25 -11.78
N SER A 18 -19.13 7.39 -12.81
CA SER A 18 -20.39 6.67 -12.99
C SER A 18 -20.71 5.76 -11.83
N GLN A 19 -19.69 5.23 -11.15
CA GLN A 19 -19.92 4.35 -10.02
C GLN A 19 -20.52 5.07 -8.81
N LYS A 20 -20.47 6.40 -8.81
CA LYS A 20 -21.06 7.24 -7.76
C LYS A 20 -22.25 8.06 -8.31
N GLY A 21 -22.82 7.58 -9.42
CA GLY A 21 -24.01 8.19 -10.03
C GLY A 21 -23.76 9.48 -10.78
N TYR A 22 -22.50 9.77 -11.11
CA TYR A 22 -22.17 10.99 -11.82
C TYR A 22 -21.85 10.69 -13.27
N SER A 23 -22.34 11.51 -14.17
CA SER A 23 -22.18 11.31 -15.60
C SER A 23 -21.31 12.36 -16.21
N ALA A 24 -20.14 11.94 -16.70
CA ALA A 24 -19.19 12.78 -17.41
C ALA A 24 -18.94 12.14 -18.77
N SER A 25 -18.66 12.97 -19.77
CA SER A 25 -18.37 12.51 -21.12
C SER A 25 -17.04 11.76 -21.19
N GLY A 26 -16.89 11.00 -22.27
CA GLY A 26 -15.66 10.31 -22.59
C GLY A 26 -15.55 8.88 -22.11
N GLY A 27 -16.63 8.32 -21.59
CA GLY A 27 -16.64 6.96 -21.08
C GLY A 27 -17.44 5.93 -21.86
N GLY A 28 -17.63 6.17 -23.16
CA GLY A 28 -18.33 5.22 -24.00
C GLY A 28 -17.57 3.91 -24.17
N GLY A 30 -15.09 2.71 -26.43
CA GLY A 30 -14.65 2.13 -27.70
C GLY A 30 -13.33 2.72 -28.18
N GLY A 31 -13.12 2.63 -29.50
CA GLY A 31 -11.91 3.12 -30.15
C GLY A 31 -10.80 2.08 -30.18
N GLY A 32 -9.69 2.43 -30.81
CA GLY A 32 -8.55 1.50 -30.91
C GLY A 32 -7.93 1.13 -29.58
N MET A 33 -8.18 1.93 -28.53
CA MET A 33 -7.67 1.62 -27.18
C MET A 33 -8.74 0.92 -26.30
N ALA A 34 -9.80 0.36 -26.89
CA ALA A 34 -10.86 -0.25 -26.07
C ALA A 34 -10.38 -1.30 -25.09
N ALA A 35 -9.45 -2.18 -25.52
CA ALA A 35 -8.98 -3.22 -24.61
C ALA A 35 -8.18 -2.63 -23.44
N VAL A 36 -7.46 -1.55 -23.68
CA VAL A 36 -6.70 -0.89 -22.61
C VAL A 36 -7.67 -0.21 -21.64
N LYS A 37 -8.71 0.49 -22.17
CA LYS A 37 -9.71 1.09 -21.29
C LYS A 37 -10.37 0.03 -20.38
N GLN A 38 -10.74 -1.11 -20.95
CA GLN A 38 -11.39 -2.16 -20.18
C GLN A 38 -10.46 -2.72 -19.09
N ALA A 39 -9.20 -2.98 -19.44
CA ALA A 39 -8.26 -3.52 -18.45
C ALA A 39 -8.00 -2.53 -17.34
N LEU A 40 -7.86 -1.22 -17.68
CA LEU A 40 -7.61 -0.22 -16.64
C LEU A 40 -8.84 -0.11 -15.73
N ARG A 41 -10.06 -0.11 -16.33
CA ARG A 41 -11.28 -0.06 -15.49
C ARG A 41 -11.34 -1.23 -14.51
N GLU A 42 -11.10 -2.45 -15.01
CA GLU A 42 -11.15 -3.64 -14.15
C GLU A 42 -10.03 -3.68 -13.13
N ALA A 43 -8.82 -3.29 -13.57
CA ALA A 43 -7.70 -3.28 -12.61
C ALA A 43 -7.95 -2.27 -11.50
N GLY A 44 -8.50 -1.11 -11.87
CA GLY A 44 -8.82 -0.10 -10.86
C GLY A 44 -9.85 -0.61 -9.88
N ASP A 45 -10.90 -1.30 -10.41
CA ASP A 45 -11.91 -1.87 -9.49
C ASP A 45 -11.29 -2.90 -8.56
N GLU A 46 -10.46 -3.79 -9.12
CA GLU A 46 -9.88 -4.89 -8.33
C GLU A 46 -8.90 -4.35 -7.28
N PHE A 47 -8.10 -3.35 -7.68
CA PHE A 47 -7.19 -2.67 -6.75
C PHE A 47 -8.01 -2.05 -5.60
N GLU A 48 -9.06 -1.29 -5.95
CA GLU A 48 -9.86 -0.63 -4.91
C GLU A 48 -10.57 -1.62 -3.99
N LEU A 49 -11.09 -2.71 -4.57
CA LEU A 49 -11.80 -3.70 -3.75
C LEU A 49 -10.90 -4.47 -2.79
N ARG A 50 -9.70 -4.88 -3.26
CA ARG A 50 -8.88 -5.81 -2.51
C ARG A 50 -7.52 -5.35 -2.00
N TYR A 51 -6.88 -4.45 -2.74
CA TYR A 51 -5.47 -4.18 -2.51
C TYR A 51 -5.10 -2.79 -2.05
N ARG A 52 -5.94 -1.79 -2.34
CA ARG A 52 -5.65 -0.43 -1.95
C ARG A 52 -5.50 -0.27 -0.42
N ARG A 53 -6.24 -1.08 0.33
CA ARG A 53 -6.22 -1.06 1.79
C ARG A 53 -4.83 -1.29 2.39
N ALA A 54 -3.92 -1.94 1.66
CA ALA A 54 -2.57 -2.16 2.21
C ALA A 54 -1.75 -0.87 2.26
N PHE A 55 -2.15 0.16 1.51
CA PHE A 55 -1.32 1.34 1.31
C PHE A 55 -1.80 2.57 2.03
N SER A 56 -0.89 3.55 2.17
CA SER A 56 -1.19 4.84 2.77
C SER A 56 -2.24 5.54 1.88
N ASP A 57 -3.31 6.05 2.48
CA ASP A 57 -4.40 6.66 1.73
C ASP A 57 -4.01 8.04 1.28
N LEU A 58 -3.69 8.21 0.00
CA LEU A 58 -3.26 9.52 -0.51
C LEU A 58 -4.36 10.58 -0.43
N THR A 59 -5.65 10.18 -0.33
CA THR A 59 -6.71 11.21 -0.23
C THR A 59 -6.65 11.98 1.08
N SER A 60 -5.98 11.43 2.11
CA SER A 60 -5.85 12.16 3.37
C SER A 60 -4.84 13.31 3.25
N GLN A 61 -3.97 13.29 2.23
CA GLN A 61 -2.93 14.29 2.04
C GLN A 61 -3.26 15.40 1.05
N LEU A 62 -4.35 15.25 0.29
CA LEU A 62 -4.64 16.22 -0.77
C LEU A 62 -6.12 16.43 -0.96
N HIS A 63 -6.64 17.52 -0.41
CA HIS A 63 -8.04 17.90 -0.59
C HIS A 63 -8.01 19.09 -1.53
N ILE A 64 -8.35 18.85 -2.83
CA ILE A 64 -8.27 19.85 -3.89
C ILE A 64 -9.37 20.89 -3.85
N THR A 65 -8.99 22.13 -3.95
CA THR A 65 -9.91 23.26 -4.09
C THR A 65 -9.51 24.03 -5.38
N PRO A 66 -10.30 25.04 -5.80
CA PRO A 66 -9.90 25.82 -6.97
C PRO A 66 -8.54 26.51 -6.84
N GLY A 67 -8.03 26.66 -5.61
CA GLY A 67 -6.72 27.29 -5.39
C GLY A 67 -5.54 26.33 -5.36
N THR A 68 -5.82 25.01 -5.38
CA THR A 68 -4.73 24.01 -5.33
C THR A 68 -3.89 24.04 -6.59
N ALA A 69 -2.59 23.98 -6.40
CA ALA A 69 -1.63 24.02 -7.47
C ALA A 69 -1.28 22.60 -7.98
N TYR A 70 -0.95 22.48 -9.27
CA TYR A 70 -0.50 21.19 -9.84
C TYR A 70 0.70 20.66 -9.04
N GLN A 71 1.62 21.54 -8.61
CA GLN A 71 2.79 21.11 -7.84
C GLN A 71 2.42 20.31 -6.59
N SER A 72 1.32 20.67 -5.92
CA SER A 72 0.87 19.96 -4.75
C SER A 72 0.38 18.55 -5.12
N PHE A 73 -0.35 18.44 -6.23
CA PHE A 73 -0.84 17.15 -6.73
C PHE A 73 0.37 16.29 -7.13
N GLU A 74 1.32 16.87 -7.87
CA GLU A 74 2.53 16.18 -8.30
C GLU A 74 3.31 15.60 -7.13
N GLN A 75 3.51 16.37 -6.05
CA GLN A 75 4.25 15.84 -4.89
C GLN A 75 3.57 14.64 -4.24
N VAL A 76 2.21 14.63 -4.16
CA VAL A 76 1.54 13.50 -3.54
C VAL A 76 1.57 12.30 -4.48
N VAL A 77 1.32 12.52 -5.77
CA VAL A 77 1.38 11.42 -6.76
C VAL A 77 2.75 10.82 -6.82
N ASN A 78 3.80 11.64 -6.63
CA ASN A 78 5.18 11.12 -6.63
C ASN A 78 5.39 9.99 -5.63
N GLU A 79 4.61 9.97 -4.53
CA GLU A 79 4.76 8.93 -3.52
C GLU A 79 4.53 7.54 -4.13
N LEU A 80 3.63 7.45 -5.11
CA LEU A 80 3.35 6.17 -5.76
C LEU A 80 4.55 5.61 -6.46
N PHE A 81 5.41 6.50 -6.99
CA PHE A 81 6.48 6.10 -7.91
C PHE A 81 7.86 6.28 -7.38
N ARG A 82 8.01 6.65 -6.11
CA ARG A 82 9.33 6.93 -5.57
C ARG A 82 10.30 5.78 -5.70
N ASP A 83 9.80 4.54 -5.54
CA ASP A 83 10.68 3.36 -5.67
C ASP A 83 10.63 2.72 -7.04
N GLY A 84 10.17 3.47 -8.04
CA GLY A 84 10.11 2.99 -9.41
C GLY A 84 8.69 2.88 -9.92
N VAL A 85 8.55 3.02 -11.23
CA VAL A 85 7.25 2.82 -11.86
C VAL A 85 7.01 1.35 -12.05
N ASN A 86 5.75 0.91 -11.87
CA ASN A 86 5.32 -0.43 -12.26
C ASN A 86 3.83 -0.31 -12.59
N TRP A 87 3.23 -1.39 -13.16
CA TRP A 87 1.84 -1.31 -13.57
C TRP A 87 0.88 -1.13 -12.41
N GLY A 88 1.17 -1.71 -11.25
CA GLY A 88 0.23 -1.56 -10.13
C GLY A 88 0.18 -0.12 -9.65
N ARG A 89 1.33 0.55 -9.66
CA ARG A 89 1.41 1.94 -9.23
C ARG A 89 0.75 2.87 -10.25
N ILE A 90 0.81 2.51 -11.55
CA ILE A 90 0.10 3.25 -12.57
C ILE A 90 -1.40 3.11 -12.34
N VAL A 91 -1.91 1.88 -12.09
CA VAL A 91 -3.33 1.72 -11.78
C VAL A 91 -3.72 2.55 -10.55
N ALA A 92 -2.87 2.53 -9.51
CA ALA A 92 -3.16 3.31 -8.29
C ALA A 92 -3.25 4.81 -8.61
N PHE A 93 -2.46 5.31 -9.56
CA PHE A 93 -2.51 6.72 -9.99
C PHE A 93 -3.87 7.02 -10.64
N PHE A 94 -4.35 6.15 -11.53
CA PHE A 94 -5.67 6.35 -12.15
C PHE A 94 -6.73 6.32 -11.05
N SER A 95 -6.65 5.36 -10.15
CA SER A 95 -7.62 5.25 -9.06
C SER A 95 -7.63 6.50 -8.19
N PHE A 96 -6.46 7.02 -7.88
CA PHE A 96 -6.35 8.23 -7.04
C PHE A 96 -6.96 9.43 -7.76
N GLY A 97 -6.67 9.62 -9.06
CA GLY A 97 -7.30 10.68 -9.84
C GLY A 97 -8.82 10.53 -9.85
N GLY A 98 -9.30 9.30 -9.98
CA GLY A 98 -10.74 9.06 -9.95
C GLY A 98 -11.37 9.47 -8.64
N ALA A 99 -10.71 9.16 -7.52
CA ALA A 99 -11.21 9.52 -6.19
C ALA A 99 -11.21 11.02 -6.02
N LEU A 100 -10.19 11.72 -6.55
CA LEU A 100 -10.15 13.19 -6.44
C LEU A 100 -11.31 13.78 -7.24
N CYS A 101 -11.65 13.21 -8.39
CA CYS A 101 -12.77 13.72 -9.19
C CYS A 101 -14.08 13.48 -8.50
N VAL A 102 -14.28 12.30 -7.89
CA VAL A 102 -15.52 12.03 -7.16
C VAL A 102 -15.66 13.02 -6.02
N GLU A 103 -14.57 13.25 -5.27
CA GLU A 103 -14.61 14.22 -4.17
C GLU A 103 -14.95 15.61 -4.66
N SER A 104 -14.40 16.01 -5.81
CA SER A 104 -14.67 17.32 -6.38
C SER A 104 -16.16 17.49 -6.70
N VAL A 105 -16.78 16.48 -7.31
CA VAL A 105 -18.20 16.61 -7.63
C VAL A 105 -19.04 16.59 -6.34
N ASP A 106 -18.69 15.71 -5.40
CA ASP A 106 -19.38 15.64 -4.09
C ASP A 106 -19.39 16.99 -3.39
N LYS A 107 -18.29 17.75 -3.52
CA LYS A 107 -18.13 19.04 -2.84
C LYS A 107 -18.55 20.24 -3.65
N LYS A 108 -19.29 20.03 -4.75
CA LYS A 108 -19.81 21.13 -5.59
C LYS A 108 -18.70 21.91 -6.30
N MET A 109 -17.58 21.21 -6.59
CA MET A 109 -16.46 21.77 -7.33
C MET A 109 -16.26 20.96 -8.61
N GLN A 110 -17.35 20.69 -9.33
CA GLN A 110 -17.31 19.91 -10.55
C GLN A 110 -16.42 20.52 -11.63
N VAL A 111 -16.16 21.85 -11.57
CA VAL A 111 -15.25 22.47 -12.54
C VAL A 111 -13.81 21.91 -12.42
N LEU A 112 -13.47 21.31 -11.26
CA LEU A 112 -12.16 20.73 -11.03
C LEU A 112 -11.99 19.39 -11.75
N VAL A 113 -13.08 18.72 -12.21
CA VAL A 113 -12.91 17.44 -12.92
C VAL A 113 -12.02 17.60 -14.15
N SER A 114 -12.30 18.62 -15.00
CA SER A 114 -11.49 18.82 -16.19
C SER A 114 -10.05 19.19 -15.83
N ARG A 115 -9.87 19.93 -14.73
CA ARG A 115 -8.53 20.33 -14.30
C ARG A 115 -7.72 19.09 -13.84
N ILE A 116 -8.37 18.20 -13.05
CA ILE A 116 -7.70 16.98 -12.60
C ILE A 116 -7.37 16.09 -13.80
N ALA A 117 -8.27 16.02 -14.79
CA ALA A 117 -7.98 15.23 -15.99
C ALA A 117 -6.74 15.78 -16.72
N ALA A 118 -6.61 17.14 -16.79
CA ALA A 118 -5.44 17.72 -17.44
C ALA A 118 -4.20 17.45 -16.61
N TRP A 119 -4.30 17.54 -15.28
CA TRP A 119 -3.17 17.27 -14.40
C TRP A 119 -2.70 15.83 -14.56
N MET A 120 -3.66 14.89 -14.68
CA MET A 120 -3.30 13.48 -14.86
C MET A 120 -2.62 13.25 -16.20
N ALA A 121 -3.12 13.89 -17.27
CA ALA A 121 -2.50 13.72 -18.58
C ALA A 121 -1.08 14.30 -18.58
N THR A 122 -0.86 15.43 -17.89
CA THR A 122 0.47 16.03 -17.78
C THR A 122 1.38 15.11 -17.00
N TYR A 123 0.91 14.59 -15.84
CA TYR A 123 1.75 13.71 -15.03
C TYR A 123 2.11 12.43 -15.80
N LEU A 124 1.13 11.86 -16.49
CA LEU A 124 1.33 10.63 -17.28
C LEU A 124 2.41 10.89 -18.34
N ASN A 125 2.27 12.00 -19.05
CA ASN A 125 3.21 12.38 -20.10
C ASN A 125 4.62 12.59 -19.57
N ASP A 126 4.77 13.39 -18.51
CA ASP A 126 6.07 13.76 -17.99
C ASP A 126 6.77 12.68 -17.21
N HIS A 127 6.03 11.91 -16.41
CA HIS A 127 6.64 10.98 -15.48
C HIS A 127 6.51 9.52 -15.84
N LEU A 128 5.45 9.14 -16.57
CA LEU A 128 5.12 7.72 -16.73
C LEU A 128 5.24 7.16 -18.13
N GLU A 129 4.96 7.97 -19.16
CA GLU A 129 4.99 7.48 -20.54
C GLU A 129 6.32 6.86 -20.97
N PRO A 130 7.50 7.42 -20.62
CA PRO A 130 8.74 6.75 -21.05
C PRO A 130 8.82 5.34 -20.51
N TRP A 131 8.43 5.12 -19.23
CA TRP A 131 8.45 3.79 -18.67
C TRP A 131 7.42 2.90 -19.39
N ILE A 132 6.19 3.41 -19.56
CA ILE A 132 5.14 2.60 -20.19
C ILE A 132 5.56 2.11 -21.56
N GLN A 133 6.07 3.02 -22.38
CA GLN A 133 6.37 2.70 -23.76
C GLN A 133 7.63 1.88 -23.92
N GLU A 134 8.52 1.86 -22.92
CA GLU A 134 9.74 1.05 -22.98
C GLU A 134 9.64 -0.23 -22.16
N ASN A 135 8.43 -0.50 -21.58
CA ASN A 135 8.16 -1.71 -20.84
C ASN A 135 6.99 -2.49 -21.46
N GLY A 136 6.89 -2.42 -22.79
CA GLY A 136 5.93 -3.21 -23.54
C GLY A 136 4.66 -2.49 -23.95
N GLY A 137 4.55 -1.21 -23.60
CA GLY A 137 3.35 -0.44 -23.90
C GLY A 137 2.11 -0.92 -23.16
N TRP A 138 1.00 -0.24 -23.42
CA TRP A 138 -0.28 -0.64 -22.86
C TRP A 138 -0.66 -2.06 -23.30
N ALA A 139 -0.12 -2.54 -24.44
CA ALA A 139 -0.38 -3.89 -24.89
C ALA A 139 0.08 -4.90 -23.84
N THR A 140 1.26 -4.65 -23.22
CA THR A 140 1.76 -5.58 -22.21
C THR A 140 0.91 -5.52 -20.94
N PHE A 141 0.43 -4.32 -20.54
CA PHE A 141 -0.50 -4.21 -19.41
C PHE A 141 -1.77 -5.06 -19.67
N VAL A 142 -2.33 -4.98 -20.89
CA VAL A 142 -3.51 -5.77 -21.21
C VAL A 142 -3.20 -7.27 -21.10
N GLU A 143 -2.02 -7.66 -21.61
CA GLU A 143 -1.62 -9.07 -21.54
C GLU A 143 -1.48 -9.56 -20.10
N LEU A 144 -0.86 -8.72 -19.25
CA LEU A 144 -0.70 -9.10 -17.84
C LEU A 144 -2.04 -9.21 -17.12
N TYR A 145 -2.90 -8.19 -17.28
CA TYR A 145 -4.15 -8.17 -16.50
C TYR A 145 -5.19 -9.19 -16.95
N GLY A 146 -5.34 -9.37 -18.26
CA GLY A 146 -6.39 -10.26 -18.78
C GLY A 146 -7.76 -9.67 -18.48
N ASN A 147 -8.72 -10.50 -18.04
CA ASN A 147 -10.04 -10.00 -17.67
C ASN A 147 -10.44 -10.59 -16.35
N ASN A 148 -11.27 -9.86 -15.62
CA ASN A 148 -11.71 -10.30 -14.31
C ASN A 148 -13.10 -10.90 -14.43
N ALA A 149 -13.14 -12.21 -14.68
CA ALA A 149 -14.42 -12.89 -14.88
C ALA A 149 -15.35 -12.78 -13.67
N ALA A 150 -14.83 -12.89 -12.44
CA ALA A 150 -15.70 -12.77 -11.26
C ALA A 150 -16.33 -11.40 -11.13
N ALA A 151 -15.59 -10.31 -11.40
CA ALA A 151 -16.16 -8.97 -11.35
C ALA A 151 -17.15 -8.77 -12.48
N GLU A 152 -16.87 -9.32 -13.68
CA GLU A 152 -17.78 -9.20 -14.80
C GLU A 152 -19.11 -9.89 -14.50
N SER A 153 -19.05 -11.09 -13.92
CA SER A 153 -20.28 -11.80 -13.56
C SER A 153 -21.07 -11.02 -12.50
N ARG A 154 -20.37 -10.46 -11.50
CA ARG A 154 -21.00 -9.68 -10.44
C ARG A 154 -21.71 -8.46 -11.04
N LYS A 155 -21.14 -7.84 -12.08
CA LYS A 155 -21.73 -6.67 -12.73
C LYS A 155 -22.67 -7.00 -13.92
N GLY A 156 -22.95 -8.29 -14.14
CA GLY A 156 -23.81 -8.72 -15.23
C GLY A 156 -23.26 -8.39 -16.61
N GLN A 157 -21.93 -8.46 -16.77
CA GLN A 157 -21.27 -8.14 -18.03
C GLN A 157 -20.92 -9.41 -18.80
N SER B 4 14.22 -19.94 20.01
CA SER B 4 15.03 -19.08 19.14
C SER B 4 14.20 -17.95 18.57
N ASN B 5 12.95 -18.23 18.16
CA ASN B 5 12.07 -17.17 17.66
C ASN B 5 11.68 -16.21 18.79
N ARG B 6 11.48 -16.72 20.00
CA ARG B 6 11.19 -15.88 21.17
C ARG B 6 12.40 -14.95 21.45
N GLU B 7 13.62 -15.50 21.32
CA GLU B 7 14.88 -14.80 21.52
C GLU B 7 15.00 -13.66 20.48
N LEU B 8 14.57 -13.91 19.24
CA LEU B 8 14.59 -12.93 18.16
C LEU B 8 13.63 -11.77 18.49
N VAL B 9 12.42 -12.09 18.99
CA VAL B 9 11.45 -11.08 19.40
C VAL B 9 12.04 -10.18 20.51
N VAL B 10 12.59 -10.81 21.59
CA VAL B 10 13.15 -10.04 22.68
C VAL B 10 14.30 -9.18 22.23
N ASP B 11 15.18 -9.71 21.36
CA ASP B 11 16.30 -8.91 20.87
C ASP B 11 15.81 -7.68 20.10
N PHE B 12 14.91 -7.90 19.13
CA PHE B 12 14.40 -6.81 18.32
C PHE B 12 13.70 -5.73 19.14
N LEU B 13 12.81 -6.12 20.07
CA LEU B 13 12.11 -5.13 20.89
C LEU B 13 13.09 -4.39 21.79
N SER B 14 14.09 -5.09 22.34
CA SER B 14 15.09 -4.42 23.18
C SER B 14 15.85 -3.36 22.39
N TYR B 15 16.18 -3.68 21.13
CA TYR B 15 16.84 -2.75 20.24
C TYR B 15 15.96 -1.53 19.92
N LYS B 16 14.67 -1.74 19.60
CA LYS B 16 13.77 -0.64 19.30
C LYS B 16 13.56 0.29 20.46
N LEU B 17 13.42 -0.29 21.66
CA LEU B 17 13.21 0.51 22.85
C LEU B 17 14.45 1.33 23.16
N SER B 18 15.65 0.75 23.00
CA SER B 18 16.93 1.42 23.23
C SER B 18 17.11 2.61 22.29
N GLN B 19 16.65 2.48 21.03
CA GLN B 19 16.69 3.58 20.05
C GLN B 19 15.89 4.79 20.48
N LYS B 20 14.89 4.61 21.36
CA LYS B 20 14.06 5.68 21.90
C LYS B 20 14.47 6.12 23.32
N GLY B 21 15.61 5.65 23.80
CA GLY B 21 16.11 5.98 25.14
C GLY B 21 15.51 5.13 26.26
N TYR B 22 14.80 4.05 25.90
CA TYR B 22 14.18 3.18 26.90
C TYR B 22 15.01 1.93 27.20
N MET B 33 21.90 -16.80 17.91
CA MET B 33 21.20 -16.19 16.77
C MET B 33 21.83 -14.85 16.39
N ALA B 34 23.14 -14.64 16.65
CA ALA B 34 23.82 -13.38 16.41
C ALA B 34 23.66 -12.77 15.00
N ALA B 35 23.89 -13.56 13.94
CA ALA B 35 23.76 -13.04 12.57
C ALA B 35 22.30 -12.72 12.23
N VAL B 36 21.35 -13.55 12.69
CA VAL B 36 19.91 -13.32 12.44
C VAL B 36 19.43 -12.07 13.16
N LYS B 37 19.84 -11.89 14.42
CA LYS B 37 19.49 -10.71 15.19
C LYS B 37 19.98 -9.43 14.53
N GLN B 38 21.22 -9.43 14.04
CA GLN B 38 21.80 -8.26 13.40
C GLN B 38 21.11 -7.98 12.07
N ALA B 39 20.85 -9.00 11.25
CA ALA B 39 20.18 -8.78 9.96
C ALA B 39 18.76 -8.26 10.19
N LEU B 40 18.05 -8.78 11.18
CA LEU B 40 16.69 -8.32 11.48
C LEU B 40 16.69 -6.89 11.99
N ARG B 41 17.66 -6.53 12.83
CA ARG B 41 17.76 -5.15 13.32
C ARG B 41 17.97 -4.18 12.14
N GLU B 42 18.90 -4.53 11.25
CA GLU B 42 19.22 -3.68 10.12
C GLU B 42 18.01 -3.61 9.17
N ALA B 43 17.38 -4.75 8.91
CA ALA B 43 16.22 -4.77 8.00
C ALA B 43 15.07 -3.95 8.56
N GLY B 44 14.85 -4.01 9.88
CA GLY B 44 13.79 -3.21 10.50
C GLY B 44 14.09 -1.73 10.37
N ASP B 45 15.37 -1.35 10.60
CA ASP B 45 15.75 0.06 10.46
C ASP B 45 15.56 0.52 9.02
N GLU B 46 15.94 -0.31 8.05
CA GLU B 46 15.86 0.05 6.64
C GLU B 46 14.39 0.15 6.19
N PHE B 47 13.57 -0.83 6.60
CA PHE B 47 12.14 -0.80 6.30
C PHE B 47 11.50 0.47 6.89
N GLU B 48 11.82 0.77 8.16
CA GLU B 48 11.25 1.94 8.81
C GLU B 48 11.65 3.23 8.12
N LEU B 49 12.94 3.37 7.86
CA LEU B 49 13.43 4.60 7.23
C LEU B 49 12.84 4.81 5.84
N ARG B 50 12.84 3.76 5.00
CA ARG B 50 12.52 3.96 3.60
C ARG B 50 11.16 3.57 3.13
N TYR B 51 10.58 2.51 3.70
CA TYR B 51 9.42 1.88 3.09
C TYR B 51 8.14 1.84 3.91
N ARG B 52 8.21 2.03 5.21
CA ARG B 52 7.02 1.89 6.04
C ARG B 52 5.90 2.84 5.65
N ARG B 53 6.25 4.09 5.30
CA ARG B 53 5.24 5.12 5.03
C ARG B 53 4.42 4.87 3.78
N ALA B 54 4.82 3.95 2.90
CA ALA B 54 3.95 3.61 1.76
C ALA B 54 2.73 2.80 2.16
N PHE B 55 2.76 2.19 3.37
CA PHE B 55 1.74 1.27 3.81
C PHE B 55 0.78 1.86 4.81
N SER B 56 -0.35 1.20 4.96
CA SER B 56 -1.38 1.59 5.92
C SER B 56 -0.78 1.48 7.33
N ASP B 57 -0.84 2.55 8.10
CA ASP B 57 -0.23 2.60 9.44
C ASP B 57 -1.07 1.78 10.40
N LEU B 58 -0.61 0.55 10.72
CA LEU B 58 -1.39 -0.34 11.57
C LEU B 58 -1.54 0.14 13.01
N THR B 59 -0.70 1.09 13.46
CA THR B 59 -0.87 1.64 14.81
C THR B 59 -2.18 2.40 14.96
N SER B 60 -2.75 2.93 13.85
CA SER B 60 -4.03 3.63 13.94
C SER B 60 -5.19 2.68 14.30
N GLN B 61 -5.01 1.36 14.10
CA GLN B 61 -6.09 0.40 14.36
C GLN B 61 -5.98 -0.34 15.69
N LEU B 62 -4.87 -0.16 16.42
CA LEU B 62 -4.67 -0.93 17.64
C LEU B 62 -4.01 -0.09 18.72
N HIS B 63 -4.77 0.20 19.76
CA HIS B 63 -4.30 0.98 20.90
C HIS B 63 -4.40 0.07 22.10
N ILE B 64 -3.27 -0.50 22.47
CA ILE B 64 -3.17 -1.49 23.52
C ILE B 64 -3.21 -0.93 24.93
N THR B 65 -4.14 -1.46 25.70
CA THR B 65 -4.32 -1.16 27.11
C THR B 65 -4.37 -2.54 27.84
N PRO B 66 -4.39 -2.57 29.19
CA PRO B 66 -4.46 -3.88 29.89
C PRO B 66 -5.64 -4.77 29.52
N GLY B 67 -6.74 -4.20 29.03
CA GLY B 67 -7.91 -4.97 28.63
C GLY B 67 -7.88 -5.53 27.21
N THR B 68 -6.88 -5.13 26.41
CA THR B 68 -6.77 -5.62 25.04
C THR B 68 -6.48 -7.12 25.00
N ALA B 69 -7.26 -7.87 24.22
CA ALA B 69 -7.07 -9.30 24.04
C ALA B 69 -6.11 -9.59 22.89
N TYR B 70 -5.44 -10.74 22.94
CA TYR B 70 -4.53 -11.18 21.88
C TYR B 70 -5.27 -11.20 20.52
N GLN B 71 -6.54 -11.65 20.49
CA GLN B 71 -7.31 -11.72 19.25
C GLN B 71 -7.35 -10.38 18.50
N SER B 72 -7.41 -9.26 19.23
CA SER B 72 -7.40 -7.93 18.60
C SER B 72 -6.07 -7.65 17.91
N PHE B 73 -4.97 -8.00 18.56
CA PHE B 73 -3.62 -7.86 17.99
C PHE B 73 -3.49 -8.77 16.77
N GLU B 74 -3.91 -10.04 16.90
CA GLU B 74 -3.85 -11.02 15.84
C GLU B 74 -4.61 -10.55 14.60
N GLN B 75 -5.81 -9.98 14.77
CA GLN B 75 -6.62 -9.54 13.62
C GLN B 75 -5.93 -8.42 12.87
N VAL B 76 -5.27 -7.49 13.58
CA VAL B 76 -4.59 -6.38 12.90
C VAL B 76 -3.32 -6.88 12.21
N VAL B 77 -2.53 -7.72 12.90
CA VAL B 77 -1.32 -8.28 12.33
C VAL B 77 -1.63 -9.11 11.09
N ASN B 78 -2.79 -9.81 11.07
CA ASN B 78 -3.19 -10.61 9.92
C ASN B 78 -3.26 -9.78 8.65
N GLU B 79 -3.50 -8.46 8.77
CA GLU B 79 -3.55 -7.60 7.58
C GLU B 79 -2.23 -7.59 6.83
N LEU B 80 -1.08 -7.72 7.55
CA LEU B 80 0.23 -7.74 6.87
C LEU B 80 0.33 -8.90 5.91
N PHE B 81 -0.31 -10.03 6.25
CA PHE B 81 -0.17 -11.29 5.53
C PHE B 81 -1.41 -11.69 4.75
N ARG B 82 -2.39 -10.79 4.60
CA ARG B 82 -3.65 -11.09 3.92
C ARG B 82 -3.44 -11.62 2.51
N ASP B 83 -2.43 -11.08 1.82
CA ASP B 83 -2.15 -11.49 0.45
C ASP B 83 -0.92 -12.39 0.36
N GLY B 84 -0.58 -13.04 1.44
CA GLY B 84 0.52 -13.99 1.50
C GLY B 84 1.68 -13.56 2.37
N VAL B 85 2.41 -14.53 2.90
CA VAL B 85 3.59 -14.25 3.67
C VAL B 85 4.75 -14.04 2.72
N ASN B 86 5.61 -13.08 3.05
CA ASN B 86 6.93 -12.94 2.43
C ASN B 86 7.89 -12.38 3.50
N TRP B 87 9.19 -12.23 3.17
CA TRP B 87 10.14 -11.78 4.19
C TRP B 87 9.90 -10.35 4.63
N GLY B 88 9.51 -9.50 3.68
CA GLY B 88 9.29 -8.09 4.02
C GLY B 88 8.16 -7.91 5.00
N ARG B 89 7.09 -8.67 4.83
CA ARG B 89 5.94 -8.57 5.71
C ARG B 89 6.28 -9.13 7.11
N ILE B 90 7.18 -10.14 7.18
CA ILE B 90 7.66 -10.61 8.48
C ILE B 90 8.46 -9.49 9.17
N VAL B 91 9.38 -8.79 8.43
CA VAL B 91 10.10 -7.66 9.02
C VAL B 91 9.10 -6.57 9.48
N ALA B 92 8.08 -6.28 8.66
CA ALA B 92 7.07 -5.29 9.04
C ALA B 92 6.35 -5.68 10.33
N PHE B 93 6.15 -7.00 10.55
CA PHE B 93 5.52 -7.49 11.78
C PHE B 93 6.41 -7.16 13.01
N PHE B 94 7.74 -7.41 12.90
CA PHE B 94 8.66 -7.09 14.01
C PHE B 94 8.64 -5.57 14.24
N SER B 95 8.69 -4.80 13.15
CA SER B 95 8.68 -3.33 13.27
C SER B 95 7.39 -2.84 13.94
N PHE B 96 6.27 -3.45 13.60
CA PHE B 96 4.99 -3.05 14.14
C PHE B 96 4.96 -3.35 15.63
N GLY B 97 5.42 -4.54 16.03
CA GLY B 97 5.48 -4.86 17.46
C GLY B 97 6.39 -3.90 18.22
N GLY B 98 7.50 -3.51 17.61
CA GLY B 98 8.41 -2.53 18.21
C GLY B 98 7.71 -1.19 18.43
N ALA B 99 6.94 -0.73 17.44
CA ALA B 99 6.21 0.53 17.57
C ALA B 99 5.16 0.43 18.68
N LEU B 100 4.46 -0.71 18.78
CA LEU B 100 3.48 -0.91 19.84
C LEU B 100 4.16 -0.85 21.23
N CYS B 101 5.34 -1.41 21.35
CA CYS B 101 6.08 -1.38 22.62
C CYS B 101 6.52 0.01 22.96
N VAL B 102 6.99 0.78 21.97
CA VAL B 102 7.43 2.17 22.23
C VAL B 102 6.24 2.99 22.69
N GLU B 103 5.09 2.84 22.02
CA GLU B 103 3.87 3.53 22.40
C GLU B 103 3.45 3.17 23.82
N SER B 104 3.56 1.89 24.20
CA SER B 104 3.21 1.41 25.54
C SER B 104 4.07 2.10 26.59
N VAL B 105 5.37 2.26 26.34
CA VAL B 105 6.25 2.93 27.30
C VAL B 105 5.91 4.42 27.36
N ASP B 106 5.61 5.04 26.19
CA ASP B 106 5.24 6.46 26.12
C ASP B 106 3.96 6.76 26.93
N LYS B 107 2.99 5.84 26.91
CA LYS B 107 1.73 6.04 27.61
C LYS B 107 1.73 5.51 29.05
N LYS B 108 2.93 5.34 29.64
CA LYS B 108 3.14 4.86 31.01
C LYS B 108 2.57 3.47 31.26
N MET B 109 2.59 2.62 30.24
CA MET B 109 2.11 1.24 30.35
C MET B 109 3.26 0.28 29.99
N GLN B 110 4.48 0.56 30.51
CA GLN B 110 5.68 -0.27 30.27
C GLN B 110 5.48 -1.75 30.64
N VAL B 111 4.53 -2.04 31.55
CA VAL B 111 4.19 -3.41 31.95
C VAL B 111 3.61 -4.23 30.77
N LEU B 112 3.04 -3.55 29.77
CA LEU B 112 2.49 -4.23 28.59
C LEU B 112 3.55 -4.66 27.56
N VAL B 113 4.80 -4.18 27.69
CA VAL B 113 5.87 -4.60 26.78
C VAL B 113 6.07 -6.13 26.79
N SER B 114 6.11 -6.75 27.99
CA SER B 114 6.28 -8.19 28.05
C SER B 114 5.09 -8.93 27.45
N ARG B 115 3.88 -8.37 27.58
CA ARG B 115 2.69 -9.00 27.01
C ARG B 115 2.76 -8.94 25.47
N ILE B 116 3.15 -7.77 24.91
CA ILE B 116 3.28 -7.66 23.45
C ILE B 116 4.37 -8.60 22.94
N ALA B 117 5.48 -8.73 23.69
CA ALA B 117 6.53 -9.68 23.28
C ALA B 117 6.00 -11.12 23.24
N ALA B 118 5.15 -11.49 24.22
CA ALA B 118 4.59 -12.84 24.25
C ALA B 118 3.61 -13.03 23.08
N TRP B 119 2.81 -12.02 22.80
CA TRP B 119 1.86 -12.05 21.68
C TRP B 119 2.61 -12.21 20.36
N MET B 120 3.74 -11.52 20.20
CA MET B 120 4.55 -11.64 18.98
C MET B 120 5.15 -13.02 18.87
N ALA B 121 5.65 -13.60 20.00
CA ALA B 121 6.19 -14.97 19.93
C ALA B 121 5.11 -15.96 19.52
N THR B 122 3.88 -15.83 20.08
CA THR B 122 2.78 -16.72 19.77
C THR B 122 2.37 -16.58 18.30
N TYR B 123 2.27 -15.32 17.82
CA TYR B 123 1.90 -15.07 16.42
C TYR B 123 2.96 -15.67 15.49
N LEU B 124 4.23 -15.44 15.80
CA LEU B 124 5.34 -15.96 15.00
C LEU B 124 5.28 -17.50 14.95
N ASN B 125 5.08 -18.14 16.12
CA ASN B 125 5.00 -19.61 16.15
C ASN B 125 3.82 -20.19 15.37
N ASP B 126 2.62 -19.66 15.57
CA ASP B 126 1.40 -20.19 14.96
C ASP B 126 1.17 -19.86 13.51
N HIS B 127 1.54 -18.64 13.11
CA HIS B 127 1.23 -18.18 11.75
C HIS B 127 2.42 -18.14 10.80
N LEU B 128 3.65 -17.97 11.31
CA LEU B 128 4.79 -17.69 10.43
C LEU B 128 5.88 -18.74 10.38
N GLU B 129 6.11 -19.45 11.51
CA GLU B 129 7.21 -20.41 11.57
C GLU B 129 7.11 -21.53 10.49
N PRO B 130 5.95 -22.10 10.17
CA PRO B 130 5.91 -23.12 9.09
C PRO B 130 6.42 -22.51 7.75
N TRP B 131 5.98 -21.28 7.42
CA TRP B 131 6.47 -20.62 6.19
C TRP B 131 7.96 -20.34 6.27
N ILE B 132 8.45 -19.80 7.41
CA ILE B 132 9.86 -19.50 7.60
C ILE B 132 10.74 -20.75 7.34
N GLN B 133 10.38 -21.88 7.99
CA GLN B 133 11.15 -23.10 7.78
C GLN B 133 11.09 -23.59 6.36
N GLU B 134 9.89 -23.59 5.77
CA GLU B 134 9.67 -24.03 4.40
C GLU B 134 10.39 -23.18 3.38
N ASN B 135 10.54 -21.88 3.66
CA ASN B 135 11.17 -20.99 2.69
C ASN B 135 12.65 -20.73 2.97
N GLY B 136 13.31 -21.65 3.66
CA GLY B 136 14.75 -21.55 3.87
C GLY B 136 15.28 -21.23 5.25
N GLY B 137 14.38 -20.92 6.19
CA GLY B 137 14.78 -20.58 7.54
C GLY B 137 15.38 -19.19 7.67
N TRP B 138 15.66 -18.76 8.91
CA TRP B 138 16.29 -17.45 9.15
C TRP B 138 17.66 -17.33 8.47
N ALA B 139 18.34 -18.48 8.22
CA ALA B 139 19.63 -18.42 7.53
C ALA B 139 19.45 -17.90 6.10
N THR B 140 18.33 -18.23 5.45
CA THR B 140 18.07 -17.75 4.09
C THR B 140 17.78 -16.24 4.16
N PHE B 141 17.03 -15.79 5.20
CA PHE B 141 16.77 -14.36 5.37
C PHE B 141 18.07 -13.57 5.51
N VAL B 142 19.02 -14.07 6.33
CA VAL B 142 20.31 -13.41 6.51
C VAL B 142 21.05 -13.28 5.16
N GLU B 143 21.07 -14.35 4.36
CA GLU B 143 21.77 -14.35 3.06
C GLU B 143 21.09 -13.35 2.11
N LEU B 144 19.75 -13.31 2.12
CA LEU B 144 19.02 -12.40 1.23
C LEU B 144 19.26 -10.94 1.60
N TYR B 145 19.16 -10.63 2.91
CA TYR B 145 19.33 -9.24 3.34
C TYR B 145 20.77 -8.78 3.16
N GLY B 146 21.70 -9.65 3.52
CA GLY B 146 23.11 -9.33 3.46
C GLY B 146 23.49 -8.40 4.60
N ASN B 147 24.15 -7.30 4.26
CA ASN B 147 24.53 -6.32 5.27
C ASN B 147 24.32 -4.91 4.71
N ASN B 148 23.81 -4.00 5.54
CA ASN B 148 23.57 -2.63 5.07
C ASN B 148 24.84 -1.80 5.27
N1 XZM C . 1.91 1.34 -4.20
N3 XZM C . -4.27 5.78 -1.85
C4 XZM C . 1.24 3.36 -2.88
C5 XZM C . 2.60 3.61 -2.62
C6 XZM C . 2.94 4.64 -1.75
C7 XZM C . 0.83 2.27 -3.83
C8 XZM C . 3.23 1.39 -3.54
C10 XZM C . 1.57 0.32 -5.03
C13 XZM C . -5.37 5.40 -3.91
C15 XZM C . -6.46 5.50 -4.77
C17 XZM C . -7.66 6.72 -3.06
C20 XZM C . 1.68 -1.52 -6.21
C21 XZM C . 2.39 -2.67 -6.81
C22 XZM C . 0.65 -5.51 -9.02
C24 XZM C . -1.04 -7.21 -8.90
C26 XZM C . -1.04 -5.61 -10.70
C28 XZM C . -3.54 -8.36 -10.05
C1 XZM C . 1.98 5.40 -1.13
C2 XZM C . 0.64 5.19 -1.40
C3 XZM C . 0.26 4.18 -2.29
C9 XZM C . 3.68 2.81 -3.30
C11 XZM C . -1.18 4.16 -2.78
O1 XZM C . -1.51 3.50 -3.76
N2 XZM C . -2.11 4.86 -2.05
C12 XZM C . -3.39 5.09 -2.54
S1 XZM C . -3.85 4.60 -4.15
C14 XZM C . -5.42 5.97 -2.62
C16 XZM C . -7.61 6.15 -4.33
C18 XZM C . -6.57 6.65 -2.21
S2 XZM C . -0.04 0.21 -5.65
C19 XZM C . 0.39 -1.23 -6.43
N4 XZM C . 2.38 -0.63 -5.41
O2 XZM C . 3.60 -2.85 -6.69
N5 XZM C . 1.55 -3.51 -7.51
S3 XZM C . 2.11 -4.75 -8.38
O3 XZM C . 2.74 -5.70 -7.51
O4 XZM C . 2.85 -4.21 -9.48
C23 XZM C . 0.11 -6.62 -8.38
C25 XZM C . -1.63 -6.71 -10.06
C27 XZM C . 0.10 -5.01 -10.18
N6 XZM C . -2.76 -7.26 -10.63
C29 XZM C . -4.25 -7.90 -8.75
S4 XZM C . -5.33 -6.45 -8.98
C30 XZM C . -4.25 -5.08 -8.68
C31 XZM C . -3.33 -5.02 -7.62
C32 XZM C . -2.52 -3.92 -7.47
C33 XZM C . -2.58 -2.86 -8.39
C34 XZM C . -3.50 -2.91 -9.42
C35 XZM C . -4.33 -4.02 -9.57
C36 XZM C . -4.55 -8.84 -11.09
C37 XZM C . -5.18 -10.20 -10.82
N7 XZM C . -6.52 -10.28 -11.41
C38 XZM C . -7.18 -11.56 -11.02
C39 XZM C . -8.58 -11.61 -11.61
O5 XZM C . -8.54 -11.52 -13.04
C40 XZM C . -7.91 -10.29 -13.45
C41 XZM C . -6.51 -10.16 -12.89
S5 XZM C . -1.61 -4.93 -12.22
O6 XZM C . -3.02 -5.15 -12.41
O7 XZM C . -1.09 -3.61 -12.40
C42 XZM C . -0.82 -5.95 -13.52
F1 XZM C . -1.24 -7.20 -13.44
F2 XZM C . 0.51 -5.94 -13.40
F3 XZM C . -1.14 -5.47 -14.72
N1 XZM D . 3.30 -4.90 3.43
N3 XZM D . 2.32 -0.13 9.73
C4 XZM D . 1.63 -3.86 4.99
C5 XZM D . 0.61 -4.55 4.33
C6 XZM D . -0.72 -4.31 4.67
C7 XZM D . 3.09 -4.15 4.68
C8 XZM D . 2.18 -5.17 2.50
C10 XZM D . 4.58 -5.14 3.09
C13 XZM D . 4.43 -0.76 10.61
C15 XZM D . 5.49 -0.66 11.51
C17 XZM D . 4.28 1.09 12.66
C20 XZM D . 6.34 -5.86 1.98
C21 XZM D . 7.02 -6.59 0.90
C22 XZM D . 10.94 -7.07 0.51
C24 XZM D . 12.83 -5.66 0.09
C26 XZM D . 12.90 -7.29 1.86
C28 XZM D . 15.53 -4.73 0.91
C1 XZM D . -1.04 -3.42 5.66
C2 XZM D . -0.05 -2.73 6.33
C3 XZM D . 1.29 -2.95 6.01
C9 XZM D . 0.94 -5.55 3.25
C11 XZM D . 2.33 -2.42 6.95
O1 XZM D . 3.50 -2.81 6.92
N2 XZM D . 1.94 -1.42 7.82
C12 XZM D . 2.73 -1.02 8.87
S1 XZM D . 4.28 -1.77 9.20
C14 XZM D . 3.29 0.05 10.73
C16 XZM D . 5.41 0.28 12.53
C18 XZM D . 3.21 0.98 11.77
S2 XZM D . 5.86 -4.66 4.15
C19 XZM D . 6.99 -5.33 3.05
N4 XZM D . 4.95 -5.74 1.99
O2 XZM D . 6.40 -7.22 0.04
N5 XZM D . 8.39 -6.58 0.97
S3 XZM D . 9.31 -7.59 0.11
O3 XZM D . 9.16 -8.93 0.61
O4 XZM D . 9.10 -7.34 -1.28
C23 XZM D . 11.54 -6.06 -0.24
C25 XZM D . 13.53 -6.24 1.15
C27 XZM D . 11.60 -7.69 1.55
N6 XZM D . 14.80 -5.83 1.51
C29 XZM D . 14.88 -3.35 1.27
S4 XZM D . 14.73 -3.05 3.05
C30 XZM D . 13.19 -3.81 3.47
C31 XZM D . 12.03 -3.59 2.73
C32 XZM D . 10.83 -4.17 3.13
C33 XZM D . 10.79 -4.97 4.27
C34 XZM D . 11.94 -5.19 5.00
C35 XZM D . 13.14 -4.62 4.61
C36 XZM D . 16.98 -4.75 1.40
C37 XZM D . 17.98 -3.92 0.61
N7 XZM D . 19.10 -3.52 1.47
C38 XZM D . 19.87 -4.68 1.95
C39 XZM D . 21.05 -4.23 2.78
O5 XZM D . 21.90 -3.34 2.03
C40 XZM D . 21.17 -2.20 1.60
C41 XZM D . 19.99 -2.58 0.74
S5 XZM D . 13.68 -8.19 3.16
O6 XZM D . 14.70 -7.42 3.80
O7 XZM D . 12.68 -8.85 3.94
C42 XZM D . 14.59 -9.54 2.30
F1 XZM D . 15.17 -10.34 3.19
F2 XZM D . 13.76 -10.25 1.53
F3 XZM D . 15.53 -9.05 1.52
#